data_7OD6
#
_entry.id   7OD6
#
_cell.length_a   1.00
_cell.length_b   1.00
_cell.length_c   1.00
_cell.angle_alpha   90.00
_cell.angle_beta   90.00
_cell.angle_gamma   90.00
#
_symmetry.space_group_name_H-M   'P 1'
#
loop_
_entity.id
_entity.type
_entity.pdbx_description
1 polymer 'Capsid protein'
2 polymer 'Inhibitory Peptide P2 (GSLLGRMKGA)'
#
loop_
_entity_poly.entity_id
_entity_poly.type
_entity_poly.pdbx_seq_one_letter_code
_entity_poly.pdbx_strand_id
1 'polypeptide(L)'
;MDIDPYKEFGATVELLSFLPSDFFPSVRDLLDTASALYREALESPEHCSPHHTALRQAILCWGELMTLATWVGVNLEDPA
SRDLVVSYVNTNMGLKFRQLLWFHISCLTFGRETVIEYLVSFGVWIRTPPAYRPPNAPILSTLPETTVVRRRGRSPRRRT
PSPRRRRSQSPRRRRSQSRESQC
;
B,A,C,D
2 'polypeptide(L)' (UNK)(UNK)(UNK)(UNK)(UNK)(UNK)GSLLGRMKGA F,E
#
# COMPACT_ATOMS: atom_id res chain seq x y z
N MET A 1 -29.14 8.73 -19.72
CA MET A 1 -29.83 7.48 -20.15
C MET A 1 -30.65 6.90 -19.00
N ASP A 2 -30.73 7.64 -17.90
CA ASP A 2 -31.50 7.22 -16.73
C ASP A 2 -30.97 5.88 -16.20
N ILE A 3 -29.73 5.90 -15.74
CA ILE A 3 -29.07 4.74 -15.18
C ILE A 3 -28.98 4.91 -13.67
N ASP A 4 -29.23 3.81 -12.95
CA ASP A 4 -29.06 3.77 -11.51
C ASP A 4 -27.89 2.86 -11.19
N PRO A 5 -26.82 3.35 -10.54
CA PRO A 5 -25.64 2.51 -10.34
C PRO A 5 -25.86 1.36 -9.38
N TYR A 6 -26.94 1.35 -8.61
CA TYR A 6 -27.19 0.29 -7.65
C TYR A 6 -28.26 -0.68 -8.09
N LYS A 7 -29.05 -0.31 -9.10
CA LYS A 7 -30.09 -1.22 -9.61
C LYS A 7 -29.47 -2.53 -10.06
N GLU A 8 -28.27 -2.48 -10.63
CA GLU A 8 -27.56 -3.68 -11.00
C GLU A 8 -27.20 -4.55 -9.80
N PHE A 9 -27.22 -3.98 -8.60
CA PHE A 9 -26.84 -4.68 -7.39
C PHE A 9 -28.02 -4.89 -6.45
N GLY A 10 -29.22 -4.51 -6.85
CA GLY A 10 -30.40 -4.78 -6.07
C GLY A 10 -30.87 -3.66 -5.19
N ALA A 11 -30.27 -2.48 -5.29
CA ALA A 11 -30.64 -1.32 -4.51
C ALA A 11 -31.05 -0.19 -5.44
N THR A 12 -31.26 0.99 -4.87
CA THR A 12 -31.66 2.17 -5.61
C THR A 12 -31.11 3.39 -4.89
N VAL A 13 -31.29 4.55 -5.51
CA VAL A 13 -30.93 5.79 -4.84
C VAL A 13 -31.97 6.21 -3.82
N GLU A 14 -33.22 5.76 -4.00
CA GLU A 14 -34.26 6.04 -3.02
C GLU A 14 -34.05 5.26 -1.74
N LEU A 15 -33.27 4.18 -1.78
CA LEU A 15 -32.95 3.40 -0.60
C LEU A 15 -31.76 3.96 0.15
N LEU A 16 -30.78 4.52 -0.56
CA LEU A 16 -29.65 5.19 0.06
C LEU A 16 -29.89 6.68 0.27
N SER A 17 -31.05 7.19 -0.16
CA SER A 17 -31.35 8.61 0.03
C SER A 17 -31.65 8.96 1.47
N PHE A 18 -31.83 7.96 2.34
CA PHE A 18 -32.14 8.21 3.74
C PHE A 18 -30.89 8.37 4.58
N LEU A 19 -29.92 7.49 4.39
CA LEU A 19 -28.63 7.60 5.04
C LEU A 19 -28.11 9.04 4.95
N PRO A 20 -27.94 9.74 6.06
CA PRO A 20 -27.48 11.13 5.97
C PRO A 20 -26.02 11.24 5.55
N SER A 21 -25.56 12.47 5.33
CA SER A 21 -24.16 12.69 5.08
C SER A 21 -23.31 12.38 6.31
N ASP A 22 -23.91 12.49 7.50
CA ASP A 22 -23.22 12.18 8.73
C ASP A 22 -22.84 10.71 8.84
N PHE A 23 -23.38 9.87 7.97
CA PHE A 23 -23.23 8.43 8.09
C PHE A 23 -22.02 7.90 7.34
N PHE A 24 -21.58 8.60 6.30
CA PHE A 24 -20.54 8.07 5.45
C PHE A 24 -19.18 8.63 5.85
N PRO A 25 -18.15 7.80 5.91
CA PRO A 25 -16.81 8.33 6.19
C PRO A 25 -16.32 9.20 5.04
N SER A 26 -15.22 9.89 5.30
CA SER A 26 -14.62 10.73 4.28
C SER A 26 -14.16 9.88 3.10
N VAL A 27 -14.04 10.54 1.95
CA VAL A 27 -13.60 9.82 0.76
C VAL A 27 -12.20 9.29 0.95
N ARG A 28 -11.34 10.06 1.63
CA ARG A 28 -9.99 9.58 1.91
C ARG A 28 -10.02 8.34 2.77
N ASP A 29 -10.87 8.33 3.80
CA ASP A 29 -10.98 7.17 4.66
C ASP A 29 -11.46 5.94 3.88
N LEU A 30 -12.44 6.14 3.00
CA LEU A 30 -12.96 5.01 2.24
C LEU A 30 -11.93 4.49 1.24
N LEU A 31 -11.18 5.40 0.61
CA LEU A 31 -10.14 4.98 -0.31
C LEU A 31 -9.04 4.23 0.42
N ASP A 32 -8.69 4.67 1.62
CA ASP A 32 -7.71 3.94 2.42
C ASP A 32 -8.25 2.56 2.80
N THR A 33 -9.52 2.49 3.19
CA THR A 33 -10.14 1.21 3.49
C THR A 33 -10.02 0.25 2.33
N ALA A 34 -10.33 0.74 1.13
CA ALA A 34 -10.21 -0.09 -0.07
C ALA A 34 -8.77 -0.50 -0.31
N SER A 35 -7.86 0.46 -0.32
CA SER A 35 -6.45 0.16 -0.54
C SER A 35 -5.96 -0.92 0.41
N ALA A 36 -6.45 -0.93 1.65
CA ALA A 36 -5.98 -1.89 2.63
C ALA A 36 -6.66 -3.24 2.52
N LEU A 37 -7.95 -3.26 2.16
CA LEU A 37 -8.70 -4.52 2.20
C LEU A 37 -8.71 -5.26 0.87
N TYR A 38 -8.72 -4.54 -0.25
CA TYR A 38 -8.93 -5.18 -1.54
C TYR A 38 -7.98 -4.64 -2.63
N ARG A 39 -6.82 -4.13 -2.25
CA ARG A 39 -5.91 -3.57 -3.25
C ARG A 39 -5.37 -4.65 -4.17
N GLU A 40 -5.01 -5.79 -3.59
CA GLU A 40 -4.55 -6.93 -4.43
C GLU A 40 -5.61 -7.20 -5.50
N ALA A 41 -6.89 -7.25 -5.12
CA ALA A 41 -7.97 -7.58 -6.07
C ALA A 41 -8.30 -6.41 -7.00
N LEU A 42 -8.15 -5.16 -6.53
CA LEU A 42 -8.51 -3.98 -7.36
C LEU A 42 -7.41 -3.73 -8.40
N GLU A 43 -6.19 -4.20 -8.13
CA GLU A 43 -5.08 -4.06 -9.11
C GLU A 43 -4.91 -5.38 -9.85
N SER A 44 -5.78 -6.36 -9.53
CA SER A 44 -5.75 -7.68 -10.21
C SER A 44 -6.26 -7.56 -11.64
N PRO A 45 -5.83 -8.41 -12.61
CA PRO A 45 -6.34 -8.36 -13.98
C PRO A 45 -7.61 -9.20 -14.13
N GLU A 46 -8.22 -9.59 -13.02
CA GLU A 46 -9.38 -10.52 -13.11
C GLU A 46 -10.69 -9.84 -12.71
N HIS A 47 -11.78 -10.20 -13.38
CA HIS A 47 -13.12 -9.72 -13.03
C HIS A 47 -13.52 -10.38 -11.71
N CYS A 48 -12.84 -9.97 -10.64
CA CYS A 48 -13.04 -10.61 -9.36
C CYS A 48 -14.50 -10.49 -8.91
N SER A 49 -15.14 -9.38 -9.23
CA SER A 49 -16.54 -9.17 -8.89
C SER A 49 -17.05 -7.88 -9.50
N PRO A 50 -18.36 -7.80 -9.76
CA PRO A 50 -18.93 -6.52 -10.21
C PRO A 50 -18.66 -5.39 -9.24
N HIS A 51 -18.58 -5.71 -7.95
CA HIS A 51 -18.25 -4.69 -6.97
C HIS A 51 -16.84 -4.18 -7.19
N HIS A 52 -15.91 -5.10 -7.46
CA HIS A 52 -14.51 -4.70 -7.75
C HIS A 52 -14.50 -3.83 -9.01
N THR A 53 -15.20 -4.24 -10.06
CA THR A 53 -15.21 -3.48 -11.34
C THR A 53 -15.79 -2.08 -11.10
N ALA A 54 -16.94 -2.01 -10.42
CA ALA A 54 -17.58 -0.71 -10.12
C ALA A 54 -16.64 0.13 -9.24
N LEU A 55 -15.99 -0.50 -8.26
CA LEU A 55 -15.06 0.22 -7.35
C LEU A 55 -13.90 0.79 -8.16
N ARG A 56 -13.37 0.01 -9.12
CA ARG A 56 -12.22 0.47 -9.92
C ARG A 56 -12.62 1.72 -10.69
N GLN A 57 -13.84 1.74 -11.25
CA GLN A 57 -14.30 2.91 -12.04
C GLN A 57 -14.54 4.10 -11.11
N ALA A 58 -15.09 3.86 -9.91
CA ALA A 58 -15.38 4.96 -8.97
C ALA A 58 -14.08 5.64 -8.53
N ILE A 59 -13.05 4.85 -8.21
CA ILE A 59 -11.74 5.40 -7.78
C ILE A 59 -11.12 6.19 -8.94
N LEU A 60 -11.24 5.66 -10.16
CA LEU A 60 -10.61 6.30 -11.35
C LEU A 60 -11.28 7.64 -11.65
N CYS A 61 -12.62 7.73 -11.57
CA CYS A 61 -13.22 9.03 -11.93
C CYS A 61 -13.12 10.01 -10.76
N TRP A 62 -13.19 9.51 -9.53
CA TRP A 62 -12.97 10.46 -8.44
C TRP A 62 -11.62 11.13 -8.57
N GLY A 63 -10.59 10.35 -8.89
CA GLY A 63 -9.29 10.95 -9.17
C GLY A 63 -9.37 11.96 -10.29
N GLU A 64 -10.21 11.68 -11.30
CA GLU A 64 -10.36 12.60 -12.41
C GLU A 64 -11.01 13.91 -11.96
N LEU A 65 -12.11 13.81 -11.22
CA LEU A 65 -12.72 14.99 -10.62
C LEU A 65 -11.71 15.78 -9.80
N MET A 66 -10.89 15.08 -9.03
CA MET A 66 -9.91 15.77 -8.17
C MET A 66 -8.89 16.52 -9.01
N THR A 67 -8.36 15.88 -10.05
CA THR A 67 -7.43 16.55 -10.94
C THR A 67 -8.07 17.81 -11.51
N LEU A 68 -9.30 17.68 -12.01
CA LEU A 68 -10.00 18.83 -12.59
C LEU A 68 -10.10 19.97 -11.58
N ALA A 69 -10.65 19.68 -10.40
CA ALA A 69 -10.91 20.73 -9.43
C ALA A 69 -9.60 21.35 -8.94
N THR A 70 -8.56 20.54 -8.78
CA THR A 70 -7.27 21.05 -8.35
C THR A 70 -6.71 22.01 -9.39
N TRP A 71 -6.68 21.59 -10.66
CA TRP A 71 -6.18 22.46 -11.71
C TRP A 71 -6.98 23.75 -11.79
N VAL A 72 -8.30 23.65 -11.66
CA VAL A 72 -9.16 24.85 -11.68
C VAL A 72 -8.77 25.78 -10.55
N GLY A 73 -8.78 25.28 -9.32
CA GLY A 73 -8.42 26.11 -8.19
C GLY A 73 -7.06 26.76 -8.35
N VAL A 74 -6.09 26.00 -8.83
CA VAL A 74 -4.75 26.54 -9.06
C VAL A 74 -4.81 27.69 -10.03
N ASN A 75 -5.61 27.56 -11.09
CA ASN A 75 -5.70 28.64 -12.06
C ASN A 75 -6.47 29.83 -11.51
N LEU A 76 -7.34 29.61 -10.53
CA LEU A 76 -8.07 30.71 -9.92
C LEU A 76 -7.15 31.50 -8.98
N GLU A 77 -7.67 32.61 -8.48
CA GLU A 77 -6.93 33.48 -7.58
C GLU A 77 -7.73 33.97 -6.38
N ASP A 78 -9.04 33.73 -6.33
CA ASP A 78 -9.86 34.18 -5.21
C ASP A 78 -10.09 33.03 -4.25
N PRO A 79 -9.46 33.03 -3.06
CA PRO A 79 -9.67 31.90 -2.14
C PRO A 79 -11.11 31.76 -1.67
N ALA A 80 -11.88 32.85 -1.67
CA ALA A 80 -13.29 32.74 -1.30
C ALA A 80 -14.05 31.86 -2.28
N SER A 81 -13.99 32.19 -3.57
CA SER A 81 -14.66 31.35 -4.57
C SER A 81 -14.03 29.97 -4.61
N ARG A 82 -12.75 29.85 -4.27
CA ARG A 82 -12.13 28.53 -4.17
C ARG A 82 -12.80 27.69 -3.10
N ASP A 83 -13.02 28.27 -1.92
CA ASP A 83 -13.77 27.59 -0.87
C ASP A 83 -15.18 27.26 -1.35
N LEU A 84 -15.79 28.17 -2.11
CA LEU A 84 -17.14 27.92 -2.59
C LEU A 84 -17.18 26.71 -3.51
N VAL A 85 -16.23 26.59 -4.43
CA VAL A 85 -16.22 25.48 -5.38
C VAL A 85 -15.90 24.18 -4.66
N VAL A 86 -14.93 24.20 -3.74
CA VAL A 86 -14.59 22.97 -3.05
C VAL A 86 -15.76 22.51 -2.18
N SER A 87 -16.52 23.45 -1.63
CA SER A 87 -17.70 23.07 -0.87
C SER A 87 -18.77 22.49 -1.79
N TYR A 88 -18.97 23.09 -2.96
CA TYR A 88 -19.94 22.54 -3.90
C TYR A 88 -19.59 21.09 -4.24
N VAL A 89 -18.33 20.84 -4.58
CA VAL A 89 -17.94 19.48 -4.96
C VAL A 89 -18.10 18.54 -3.78
N ASN A 90 -17.57 18.90 -2.61
CA ASN A 90 -17.66 18.02 -1.45
C ASN A 90 -19.09 17.75 -1.04
N THR A 91 -20.00 18.66 -1.35
CA THR A 91 -21.40 18.49 -0.99
C THR A 91 -22.19 17.71 -2.02
N ASN A 92 -21.81 17.79 -3.29
CA ASN A 92 -22.59 17.17 -4.37
C ASN A 92 -22.00 15.84 -4.82
N MET A 93 -20.73 15.84 -5.24
CA MET A 93 -20.12 14.63 -5.75
C MET A 93 -19.41 13.82 -4.67
N GLY A 94 -18.87 14.50 -3.67
CA GLY A 94 -18.27 13.79 -2.55
C GLY A 94 -19.27 12.87 -1.87
N LEU A 95 -20.48 13.36 -1.66
CA LEU A 95 -21.51 12.55 -1.01
C LEU A 95 -21.87 11.34 -1.87
N LYS A 96 -22.00 11.56 -3.18
CA LYS A 96 -22.37 10.46 -4.07
C LYS A 96 -21.29 9.40 -4.10
N PHE A 97 -20.03 9.83 -4.18
CA PHE A 97 -18.90 8.86 -4.21
C PHE A 97 -18.84 8.13 -2.87
N ARG A 98 -19.04 8.85 -1.76
CA ARG A 98 -19.07 8.19 -0.46
C ARG A 98 -20.15 7.12 -0.43
N GLN A 99 -21.36 7.46 -0.86
CA GLN A 99 -22.43 6.48 -1.00
C GLN A 99 -21.94 5.26 -1.76
N LEU A 100 -21.35 5.48 -2.93
CA LEU A 100 -20.97 4.38 -3.81
C LEU A 100 -19.89 3.51 -3.20
N LEU A 101 -18.81 4.12 -2.74
CA LEU A 101 -17.71 3.37 -2.14
C LEU A 101 -18.18 2.62 -0.92
N TRP A 102 -18.98 3.26 -0.06
CA TRP A 102 -19.51 2.59 1.11
C TRP A 102 -20.35 1.38 0.70
N PHE A 103 -21.27 1.57 -0.23
CA PHE A 103 -22.11 0.47 -0.67
C PHE A 103 -21.26 -0.72 -1.11
N HIS A 104 -20.27 -0.46 -1.96
CA HIS A 104 -19.52 -1.57 -2.55
C HIS A 104 -18.60 -2.23 -1.53
N ILE A 105 -17.88 -1.44 -0.74
CA ILE A 105 -17.02 -2.00 0.29
C ILE A 105 -17.85 -2.82 1.28
N SER A 106 -18.97 -2.27 1.71
CA SER A 106 -19.80 -2.96 2.70
C SER A 106 -20.40 -4.23 2.12
N CYS A 107 -20.79 -4.21 0.85
CA CYS A 107 -21.25 -5.43 0.21
C CYS A 107 -20.15 -6.47 0.23
N LEU A 108 -18.98 -6.15 -0.34
CA LEU A 108 -17.87 -7.09 -0.34
C LEU A 108 -17.58 -7.63 1.05
N THR A 109 -17.71 -6.79 2.08
CA THR A 109 -17.35 -7.20 3.43
C THR A 109 -18.40 -8.11 4.03
N PHE A 110 -19.64 -7.63 4.13
CA PHE A 110 -20.70 -8.34 4.84
C PHE A 110 -21.53 -9.23 3.94
N GLY A 111 -22.03 -8.68 2.84
CA GLY A 111 -23.05 -9.35 2.07
C GLY A 111 -24.07 -8.39 1.51
N ARG A 112 -24.50 -8.66 0.27
N ARG A 112 -24.51 -8.65 0.27
CA ARG A 112 -25.47 -7.80 -0.39
CA ARG A 112 -25.48 -7.78 -0.38
C ARG A 112 -26.80 -7.81 0.36
C ARG A 112 -26.81 -7.81 0.36
N GLU A 113 -27.30 -9.00 0.69
CA GLU A 113 -28.56 -9.10 1.42
C GLU A 113 -28.45 -8.41 2.77
N THR A 114 -27.33 -8.58 3.44
CA THR A 114 -27.13 -7.94 4.74
C THR A 114 -27.15 -6.43 4.61
N VAL A 115 -26.47 -5.89 3.60
CA VAL A 115 -26.43 -4.45 3.42
C VAL A 115 -27.81 -3.91 3.09
N ILE A 116 -28.58 -4.66 2.29
CA ILE A 116 -29.90 -4.18 1.91
C ILE A 116 -30.86 -4.23 3.09
N GLU A 117 -30.78 -5.28 3.90
CA GLU A 117 -31.56 -5.32 5.13
C GLU A 117 -31.19 -4.16 6.05
N TYR A 118 -29.89 -3.88 6.17
CA TYR A 118 -29.46 -2.75 6.98
C TYR A 118 -30.04 -1.45 6.46
N LEU A 119 -30.09 -1.30 5.14
CA LEU A 119 -30.64 -0.07 4.57
C LEU A 119 -32.13 0.04 4.87
N VAL A 120 -32.87 -1.06 4.74
CA VAL A 120 -34.29 -1.05 5.06
C VAL A 120 -34.51 -0.64 6.51
N SER A 121 -33.78 -1.28 7.43
CA SER A 121 -33.97 -1.00 8.84
C SER A 121 -33.54 0.42 9.20
N PHE A 122 -32.44 0.89 8.62
CA PHE A 122 -32.00 2.25 8.87
C PHE A 122 -33.01 3.26 8.33
N GLY A 123 -33.67 2.94 7.23
CA GLY A 123 -34.74 3.80 6.75
C GLY A 123 -35.89 3.84 7.73
N VAL A 124 -36.32 2.66 8.20
CA VAL A 124 -37.35 2.60 9.23
C VAL A 124 -36.97 3.48 10.41
N TRP A 125 -35.69 3.47 10.78
CA TRP A 125 -35.24 4.19 11.96
C TRP A 125 -35.22 5.70 11.71
N ILE A 126 -34.64 6.12 10.60
CA ILE A 126 -34.43 7.54 10.36
C ILE A 126 -35.72 8.24 9.93
N ARG A 127 -36.65 7.51 9.32
CA ARG A 127 -37.97 8.08 9.05
C ARG A 127 -38.75 8.28 10.34
N THR A 128 -38.49 7.45 11.34
CA THR A 128 -39.19 7.57 12.61
C THR A 128 -38.74 8.84 13.33
N PRO A 129 -39.66 9.60 13.91
CA PRO A 129 -39.25 10.79 14.63
C PRO A 129 -38.37 10.43 15.81
N PRO A 130 -37.53 11.37 16.26
CA PRO A 130 -36.63 11.06 17.37
C PRO A 130 -37.35 10.79 18.68
N ALA A 131 -38.51 11.40 18.87
CA ALA A 131 -39.26 11.19 20.11
C ALA A 131 -39.79 9.77 20.23
N TYR A 132 -39.78 9.02 19.15
CA TYR A 132 -40.35 7.67 19.14
C TYR A 132 -39.37 6.61 18.67
N ARG A 133 -38.21 6.98 18.14
CA ARG A 133 -37.24 5.97 17.76
C ARG A 133 -36.20 5.79 18.85
N PRO A 134 -35.59 4.61 18.93
CA PRO A 134 -34.47 4.44 19.83
C PRO A 134 -33.37 5.44 19.51
N PRO A 135 -32.55 5.79 20.50
CA PRO A 135 -31.54 6.82 20.26
C PRO A 135 -30.27 6.31 19.60
N ASN A 136 -30.03 5.00 19.64
CA ASN A 136 -28.84 4.40 19.07
C ASN A 136 -29.22 3.75 17.74
N ALA A 137 -28.70 4.29 16.64
CA ALA A 137 -29.02 3.80 15.33
C ALA A 137 -28.63 2.34 15.18
N PRO A 138 -29.18 1.66 14.19
CA PRO A 138 -28.70 0.32 13.87
C PRO A 138 -27.28 0.36 13.30
N ILE A 139 -26.58 -0.74 13.47
CA ILE A 139 -25.14 -0.77 13.26
C ILE A 139 -24.78 -1.96 12.38
N LEU A 140 -23.84 -1.74 11.47
CA LEU A 140 -23.29 -2.77 10.59
C LEU A 140 -21.81 -2.88 10.90
N SER A 141 -21.40 -4.02 11.47
CA SER A 141 -20.04 -4.15 11.95
C SER A 141 -19.59 -5.60 11.83
N THR A 142 -18.26 -5.77 11.80
CA THR A 142 -17.63 -7.08 11.81
C THR A 142 -17.42 -7.59 13.23
N LEU A 143 -17.99 -6.91 14.22
CA LEU A 143 -17.73 -7.18 15.62
C LEU A 143 -19.04 -7.38 16.36
N PRO A 144 -19.01 -8.03 17.53
CA PRO A 144 -20.22 -8.10 18.37
C PRO A 144 -20.44 -6.81 19.15
N GLU A 145 -21.42 -6.81 20.05
CA GLU A 145 -21.69 -5.65 20.88
C GLU A 145 -20.57 -5.38 21.89
N THR A 146 -19.57 -6.25 21.98
CA THR A 146 -18.53 -6.12 22.99
C THR A 146 -17.26 -5.47 22.48
N THR A 147 -16.93 -5.61 21.19
CA THR A 147 -15.69 -5.09 20.62
C THR A 147 -14.49 -5.55 21.45
N VAL A 148 -14.33 -6.87 21.52
CA VAL A 148 -13.19 -7.52 22.17
C VAL A 148 -12.87 -8.77 21.38
N VAL A 149 -11.65 -8.86 20.86
CA VAL A 149 -11.25 -9.95 19.98
C VAL A 149 -10.48 -10.98 20.79
N ARG A 150 -10.60 -12.23 20.38
CA ARG A 150 -9.92 -13.33 21.06
C ARG A 150 -9.39 -14.35 20.06
N MET B 1 -3.77 3.67 -5.20
CA MET B 1 -3.86 2.45 -6.03
C MET B 1 -3.42 2.75 -7.46
N ASP B 2 -2.82 1.75 -8.10
CA ASP B 2 -2.31 1.87 -9.47
C ASP B 2 -3.27 1.24 -10.48
N ILE B 3 -4.58 1.39 -10.21
CA ILE B 3 -5.63 0.71 -11.02
C ILE B 3 -5.58 1.03 -12.50
N ASP B 4 -5.55 0.00 -13.35
CA ASP B 4 -5.63 0.17 -14.79
C ASP B 4 -7.02 -0.26 -15.24
N PRO B 5 -7.82 0.62 -15.85
CA PRO B 5 -9.22 0.26 -16.12
C PRO B 5 -9.41 -0.75 -17.23
N TYR B 6 -8.35 -1.18 -17.90
CA TYR B 6 -8.45 -2.15 -18.99
C TYR B 6 -7.80 -3.48 -18.66
N LYS B 7 -7.23 -3.61 -17.46
CA LYS B 7 -6.47 -4.80 -17.12
C LYS B 7 -7.38 -6.00 -16.83
N GLU B 8 -8.57 -5.74 -16.29
CA GLU B 8 -9.54 -6.83 -16.00
C GLU B 8 -9.93 -7.51 -17.31
N PHE B 9 -9.80 -6.83 -18.45
CA PHE B 9 -10.22 -7.35 -19.74
C PHE B 9 -9.04 -7.87 -20.55
N GLY B 10 -7.92 -7.17 -20.54
CA GLY B 10 -6.73 -7.69 -21.18
C GLY B 10 -5.89 -6.65 -21.89
N ALA B 11 -6.36 -5.42 -21.89
CA ALA B 11 -5.65 -4.32 -22.49
C ALA B 11 -4.92 -3.52 -21.43
N THR B 12 -4.24 -2.46 -21.88
CA THR B 12 -3.52 -1.57 -20.99
C THR B 12 -3.50 -0.19 -21.63
N VAL B 13 -3.03 0.80 -20.86
CA VAL B 13 -2.91 2.14 -21.40
C VAL B 13 -1.78 2.21 -22.41
N GLU B 14 -0.84 1.27 -22.35
CA GLU B 14 0.23 1.23 -23.34
C GLU B 14 -0.29 0.68 -24.67
N LEU B 15 -1.27 -0.22 -24.62
CA LEU B 15 -1.82 -0.79 -25.83
C LEU B 15 -2.76 0.17 -26.54
N LEU B 16 -3.53 0.94 -25.78
CA LEU B 16 -4.40 1.95 -26.39
C LEU B 16 -3.66 3.23 -26.75
N SER B 17 -2.44 3.43 -26.26
CA SER B 17 -1.65 4.56 -26.71
C SER B 17 -1.21 4.39 -28.15
N PHE B 18 -1.31 3.18 -28.70
CA PHE B 18 -1.11 2.98 -30.13
C PHE B 18 -2.03 3.90 -30.93
N LEU B 19 -3.33 3.79 -30.68
CA LEU B 19 -4.27 4.69 -31.31
C LEU B 19 -3.98 6.13 -30.89
N PRO B 20 -4.01 7.08 -31.81
CA PRO B 20 -3.82 8.47 -31.41
C PRO B 20 -5.01 9.02 -30.64
N SER B 21 -4.94 10.29 -30.27
CA SER B 21 -6.08 10.95 -29.64
C SER B 21 -7.11 11.42 -30.63
N ASP B 22 -6.70 11.69 -31.88
CA ASP B 22 -7.61 12.13 -32.92
C ASP B 22 -8.39 10.98 -33.52
N PHE B 23 -8.25 9.77 -33.00
CA PHE B 23 -8.94 8.61 -33.53
C PHE B 23 -10.29 8.37 -32.87
N PHE B 24 -10.43 8.73 -31.61
CA PHE B 24 -11.59 8.32 -30.85
C PHE B 24 -12.76 9.26 -31.14
N PRO B 25 -13.95 8.73 -31.43
CA PRO B 25 -15.07 9.59 -31.76
C PRO B 25 -15.44 10.49 -30.59
N SER B 26 -16.38 11.38 -30.86
CA SER B 26 -16.86 12.29 -29.83
C SER B 26 -17.72 11.56 -28.82
N VAL B 27 -17.77 12.10 -27.61
CA VAL B 27 -18.56 11.48 -26.56
C VAL B 27 -20.02 11.46 -26.95
N ARG B 28 -20.48 12.46 -27.69
CA ARG B 28 -21.87 12.48 -28.14
C ARG B 28 -22.16 11.29 -29.05
N ASP B 29 -21.30 11.07 -30.04
CA ASP B 29 -21.47 9.93 -30.94
C ASP B 29 -21.42 8.62 -30.18
N LEU B 30 -20.50 8.51 -29.23
CA LEU B 30 -20.36 7.25 -28.50
C LEU B 30 -21.57 6.99 -27.62
N LEU B 31 -22.10 8.02 -26.98
CA LEU B 31 -23.29 7.85 -26.16
C LEU B 31 -24.52 7.55 -27.03
N ASP B 32 -24.58 8.15 -28.22
CA ASP B 32 -25.65 7.81 -29.15
C ASP B 32 -25.61 6.33 -29.50
N THR B 33 -24.43 5.83 -29.85
CA THR B 33 -24.28 4.41 -30.14
C THR B 33 -24.66 3.57 -28.94
N ALA B 34 -24.17 3.92 -27.76
CA ALA B 34 -24.45 3.15 -26.56
C ALA B 34 -25.95 3.08 -26.31
N SER B 35 -26.63 4.21 -26.39
CA SER B 35 -28.07 4.21 -26.24
C SER B 35 -28.67 3.26 -27.25
N ALA B 36 -28.52 3.60 -28.53
CA ALA B 36 -29.16 2.84 -29.60
C ALA B 36 -28.99 1.34 -29.43
N LEU B 37 -27.83 0.90 -28.97
CA LEU B 37 -27.51 -0.52 -29.00
C LEU B 37 -27.74 -1.24 -27.68
N TYR B 38 -27.58 -0.57 -26.53
CA TYR B 38 -27.63 -1.26 -25.25
C TYR B 38 -28.36 -0.45 -24.19
N ARG B 39 -29.35 0.38 -24.58
CA ARG B 39 -30.09 1.13 -23.57
C ARG B 39 -30.81 0.20 -22.60
N GLU B 40 -31.53 -0.78 -23.14
CA GLU B 40 -32.31 -1.67 -22.29
C GLU B 40 -31.42 -2.54 -21.41
N ALA B 41 -30.18 -2.75 -21.80
CA ALA B 41 -29.26 -3.55 -21.01
C ALA B 41 -28.53 -2.73 -19.96
N LEU B 42 -28.23 -1.47 -20.27
CA LEU B 42 -27.61 -0.60 -19.27
C LEU B 42 -28.62 -0.15 -18.23
N GLU B 43 -29.89 -0.06 -18.60
CA GLU B 43 -30.96 0.29 -17.67
C GLU B 43 -31.53 -0.92 -16.95
N SER B 44 -30.97 -2.10 -17.14
CA SER B 44 -31.53 -3.31 -16.56
C SER B 44 -30.91 -3.59 -15.21
N PRO B 45 -31.60 -4.35 -14.37
CA PRO B 45 -31.06 -4.76 -13.06
C PRO B 45 -30.30 -6.08 -13.14
N GLU B 46 -29.26 -6.11 -13.97
CA GLU B 46 -28.52 -7.35 -14.20
C GLU B 46 -27.06 -7.02 -14.47
N HIS B 47 -26.17 -7.86 -13.94
CA HIS B 47 -24.76 -7.82 -14.30
C HIS B 47 -24.58 -8.50 -15.65
N CYS B 48 -25.22 -7.92 -16.67
CA CYS B 48 -25.16 -8.52 -17.99
C CYS B 48 -23.73 -8.73 -18.45
N SER B 49 -22.82 -7.86 -18.01
CA SER B 49 -21.41 -8.00 -18.34
C SER B 49 -20.57 -6.96 -17.61
N PRO B 50 -19.30 -7.26 -17.34
CA PRO B 50 -18.41 -6.23 -16.79
C PRO B 50 -18.31 -5.02 -17.68
N HIS B 51 -18.43 -5.22 -18.99
CA HIS B 51 -18.46 -4.08 -19.90
C HIS B 51 -19.67 -3.21 -19.63
N HIS B 52 -20.82 -3.83 -19.37
CA HIS B 52 -22.01 -3.07 -19.03
C HIS B 52 -21.81 -2.29 -17.74
N THR B 53 -21.27 -2.94 -16.72
CA THR B 53 -21.02 -2.26 -15.45
C THR B 53 -20.11 -1.05 -15.64
N ALA B 54 -18.96 -1.26 -16.28
CA ALA B 54 -18.01 -0.17 -16.49
C ALA B 54 -18.63 0.94 -17.31
N LEU B 55 -19.44 0.60 -18.31
CA LEU B 55 -20.06 1.61 -19.15
C LEU B 55 -21.06 2.45 -18.35
N ARG B 56 -21.85 1.80 -17.50
CA ARG B 56 -22.76 2.53 -16.63
C ARG B 56 -22.00 3.52 -15.77
N GLN B 57 -21.03 3.00 -15.02
CA GLN B 57 -20.23 3.87 -14.12
C GLN B 57 -19.67 5.00 -14.98
N ALA B 58 -19.11 4.66 -16.16
CA ALA B 58 -18.45 5.71 -16.98
C ALA B 58 -19.46 6.80 -17.36
N ILE B 59 -20.66 6.43 -17.82
CA ILE B 59 -21.61 7.48 -18.29
C ILE B 59 -21.97 8.37 -17.10
N LEU B 60 -22.26 7.77 -15.95
CA LEU B 60 -22.71 8.57 -14.78
C LEU B 60 -21.59 9.52 -14.36
N CYS B 61 -20.36 9.02 -14.33
CA CYS B 61 -19.22 9.87 -13.86
C CYS B 61 -18.94 10.98 -14.87
N TRP B 62 -19.09 10.71 -16.17
CA TRP B 62 -18.94 11.77 -17.20
C TRP B 62 -20.01 12.83 -16.96
N GLY B 63 -21.23 12.40 -16.63
CA GLY B 63 -22.30 13.36 -16.30
C GLY B 63 -21.92 14.19 -15.09
N GLU B 64 -21.31 13.55 -14.08
CA GLU B 64 -20.84 14.29 -12.87
C GLU B 64 -19.78 15.31 -13.27
N LEU B 65 -18.87 14.95 -14.18
CA LEU B 65 -17.84 15.91 -14.67
C LEU B 65 -18.55 17.05 -15.40
N MET B 66 -19.57 16.73 -16.20
CA MET B 66 -20.25 17.75 -16.99
C MET B 66 -20.99 18.73 -16.09
N THR B 67 -21.68 18.22 -15.07
CA THR B 67 -22.34 19.13 -14.13
C THR B 67 -21.34 20.05 -13.45
N LEU B 68 -20.21 19.50 -13.01
CA LEU B 68 -19.19 20.31 -12.36
C LEU B 68 -18.69 21.40 -13.29
N ALA B 69 -18.32 21.01 -14.51
CA ALA B 69 -17.74 21.97 -15.44
C ALA B 69 -18.77 23.03 -15.85
N THR B 70 -20.02 22.64 -16.01
CA THR B 70 -21.07 23.60 -16.32
C THR B 70 -21.23 24.62 -15.19
N TRP B 71 -21.36 24.13 -13.96
CA TRP B 71 -21.47 25.01 -12.81
C TRP B 71 -20.27 25.94 -12.72
N VAL B 72 -19.07 25.41 -12.97
CA VAL B 72 -17.86 26.21 -12.88
C VAL B 72 -17.86 27.30 -13.94
N GLY B 73 -18.15 26.93 -15.19
CA GLY B 73 -18.19 27.93 -16.25
C GLY B 73 -19.25 28.99 -16.02
N VAL B 74 -20.37 28.61 -15.41
CA VAL B 74 -21.38 29.59 -15.06
C VAL B 74 -20.87 30.55 -14.01
N ASN B 75 -20.15 30.02 -13.01
CA ASN B 75 -19.63 30.87 -11.95
C ASN B 75 -18.40 31.67 -12.39
N LEU B 76 -17.81 31.32 -13.53
CA LEU B 76 -16.55 31.92 -13.94
C LEU B 76 -16.77 33.33 -14.48
N GLU B 77 -15.65 34.04 -14.69
CA GLU B 77 -15.68 35.44 -15.08
C GLU B 77 -15.82 35.64 -16.58
N ASP B 78 -14.86 35.17 -17.38
CA ASP B 78 -14.74 35.61 -18.76
C ASP B 78 -14.68 34.45 -19.73
N PRO B 79 -15.17 34.64 -20.95
CA PRO B 79 -15.13 33.56 -21.95
C PRO B 79 -13.74 33.06 -22.24
N ALA B 80 -12.70 33.89 -22.09
CA ALA B 80 -11.35 33.45 -22.41
C ALA B 80 -10.98 32.23 -21.57
N SER B 81 -10.91 32.40 -20.25
CA SER B 81 -10.57 31.28 -19.38
C SER B 81 -11.70 30.27 -19.28
N ARG B 82 -12.94 30.66 -19.58
CA ARG B 82 -14.01 29.65 -19.65
C ARG B 82 -13.73 28.65 -20.77
N ASP B 83 -13.42 29.14 -21.96
CA ASP B 83 -13.07 28.26 -23.06
C ASP B 83 -11.75 27.56 -22.81
N LEU B 84 -10.85 28.17 -22.03
CA LEU B 84 -9.64 27.47 -21.63
C LEU B 84 -9.98 26.26 -20.76
N VAL B 85 -10.91 26.44 -19.83
CA VAL B 85 -11.38 25.32 -19.01
C VAL B 85 -12.01 24.25 -19.88
N VAL B 86 -12.82 24.68 -20.85
CA VAL B 86 -13.44 23.72 -21.77
C VAL B 86 -12.38 22.94 -22.53
N SER B 87 -11.34 23.63 -23.00
CA SER B 87 -10.27 22.95 -23.72
C SER B 87 -9.56 21.95 -22.83
N TYR B 88 -9.29 22.32 -21.58
CA TYR B 88 -8.62 21.39 -20.68
C TYR B 88 -9.48 20.16 -20.43
N VAL B 89 -10.73 20.38 -20.03
CA VAL B 89 -11.61 19.25 -19.73
C VAL B 89 -11.70 18.34 -20.94
N ASN B 90 -11.92 18.90 -22.12
CA ASN B 90 -11.96 18.07 -23.31
C ASN B 90 -10.65 17.30 -23.40
N THR B 91 -9.56 18.02 -23.68
CA THR B 91 -8.26 17.41 -23.93
C THR B 91 -7.96 16.24 -23.00
N ASN B 92 -8.21 16.39 -21.71
CA ASN B 92 -7.83 15.35 -20.76
C ASN B 92 -8.97 14.38 -20.46
N MET B 93 -10.05 14.89 -19.86
CA MET B 93 -11.10 13.99 -19.40
C MET B 93 -11.89 13.43 -20.58
N GLY B 94 -12.24 14.27 -21.54
CA GLY B 94 -13.01 13.78 -22.68
C GLY B 94 -12.22 12.74 -23.46
N LEU B 95 -10.91 12.95 -23.57
CA LEU B 95 -10.07 11.96 -24.23
C LEU B 95 -10.09 10.65 -23.48
N LYS B 96 -9.82 10.68 -22.17
CA LYS B 96 -9.82 9.45 -21.40
C LYS B 96 -11.17 8.75 -21.49
N PHE B 97 -12.25 9.54 -21.43
CA PHE B 97 -13.60 8.94 -21.41
C PHE B 97 -13.97 8.35 -22.78
N ARG B 98 -13.62 9.03 -23.89
CA ARG B 98 -13.94 8.41 -25.17
C ARG B 98 -13.03 7.22 -25.43
N GLN B 99 -11.81 7.21 -24.93
CA GLN B 99 -11.03 5.97 -24.89
C GLN B 99 -11.83 4.87 -24.20
N LEU B 100 -12.31 5.15 -22.99
CA LEU B 100 -13.01 4.13 -22.21
C LEU B 100 -14.28 3.67 -22.91
N LEU B 101 -15.11 4.62 -23.34
CA LEU B 101 -16.36 4.27 -24.00
C LEU B 101 -16.12 3.52 -25.29
N TRP B 102 -15.18 3.97 -26.11
CA TRP B 102 -14.83 3.25 -27.32
C TRP B 102 -14.44 1.82 -26.99
N PHE B 103 -13.51 1.64 -26.04
CA PHE B 103 -13.08 0.30 -25.68
C PHE B 103 -14.26 -0.57 -25.32
N HIS B 104 -15.12 -0.10 -24.41
CA HIS B 104 -16.16 -0.95 -23.87
C HIS B 104 -17.25 -1.22 -24.89
N ILE B 105 -17.67 -0.20 -25.64
CA ILE B 105 -18.68 -0.40 -26.67
C ILE B 105 -18.16 -1.33 -27.75
N SER B 106 -16.95 -1.07 -28.25
CA SER B 106 -16.37 -1.90 -29.29
C SER B 106 -16.22 -3.34 -28.83
N CYS B 107 -15.82 -3.55 -27.59
CA CYS B 107 -15.74 -4.91 -27.07
C CYS B 107 -17.12 -5.55 -27.05
N LEU B 108 -18.06 -4.91 -26.34
CA LEU B 108 -19.42 -5.41 -26.24
C LEU B 108 -20.03 -5.72 -27.60
N THR B 109 -19.58 -5.03 -28.65
CA THR B 109 -20.16 -5.17 -29.97
C THR B 109 -19.49 -6.26 -30.80
N PHE B 110 -18.16 -6.22 -30.90
CA PHE B 110 -17.41 -7.11 -31.78
C PHE B 110 -16.75 -8.26 -31.05
N GLY B 111 -16.18 -8.02 -29.88
CA GLY B 111 -15.37 -9.00 -29.20
C GLY B 111 -14.13 -8.41 -28.61
N ARG B 112 -13.80 -8.82 -27.39
CA ARG B 112 -12.57 -8.36 -26.75
C ARG B 112 -11.34 -8.76 -27.55
N GLU B 113 -11.33 -10.01 -28.02
CA GLU B 113 -10.21 -10.48 -28.85
C GLU B 113 -10.10 -9.64 -30.12
N THR B 114 -11.24 -9.39 -30.77
CA THR B 114 -11.24 -8.57 -31.96
C THR B 114 -10.69 -7.19 -31.68
N VAL B 115 -11.07 -6.59 -30.56
CA VAL B 115 -10.64 -5.23 -30.24
C VAL B 115 -9.15 -5.19 -29.97
N ILE B 116 -8.62 -6.21 -29.29
CA ILE B 116 -7.19 -6.22 -29.00
C ILE B 116 -6.40 -6.43 -30.28
N GLU B 117 -6.82 -7.37 -31.13
CA GLU B 117 -6.19 -7.54 -32.43
C GLU B 117 -6.28 -6.26 -33.25
N TYR B 118 -7.38 -5.52 -33.13
CA TYR B 118 -7.52 -4.27 -33.84
C TYR B 118 -6.52 -3.24 -33.34
N LEU B 119 -6.31 -3.19 -32.03
CA LEU B 119 -5.32 -2.27 -31.49
C LEU B 119 -3.93 -2.61 -32.02
N VAL B 120 -3.60 -3.89 -32.06
CA VAL B 120 -2.29 -4.31 -32.57
C VAL B 120 -2.15 -3.91 -34.04
N SER B 121 -3.16 -4.22 -34.85
CA SER B 121 -3.10 -3.91 -36.27
C SER B 121 -3.03 -2.41 -36.52
N PHE B 122 -3.77 -1.63 -35.75
CA PHE B 122 -3.70 -0.18 -35.90
C PHE B 122 -2.35 0.37 -35.47
N GLY B 123 -1.72 -0.24 -34.47
CA GLY B 123 -0.37 0.14 -34.16
C GLY B 123 0.57 -0.12 -35.31
N VAL B 124 0.46 -1.30 -35.92
CA VAL B 124 1.23 -1.61 -37.12
C VAL B 124 1.02 -0.53 -38.17
N TRP B 125 -0.24 -0.21 -38.45
CA TRP B 125 -0.56 0.75 -39.50
C TRP B 125 0.03 2.11 -39.21
N ILE B 126 -0.15 2.61 -37.98
CA ILE B 126 0.29 3.96 -37.65
C ILE B 126 1.80 4.04 -37.51
N ARG B 127 2.46 2.91 -37.27
CA ARG B 127 3.92 2.90 -37.27
C ARG B 127 4.48 2.79 -38.68
N THR B 128 3.71 2.23 -39.59
CA THR B 128 4.16 2.11 -40.97
C THR B 128 4.37 3.50 -41.57
N PRO B 129 5.52 3.76 -42.19
CA PRO B 129 5.70 5.06 -42.83
C PRO B 129 4.65 5.30 -43.88
N PRO B 130 4.33 6.56 -44.16
CA PRO B 130 3.22 6.85 -45.10
C PRO B 130 3.47 6.33 -46.50
N ALA B 131 4.73 6.31 -46.95
CA ALA B 131 5.01 5.85 -48.31
C ALA B 131 4.52 4.42 -48.53
N TYR B 132 4.45 3.63 -47.45
CA TYR B 132 4.02 2.25 -47.52
C TYR B 132 2.81 2.00 -46.63
N ARG B 133 2.13 3.06 -46.22
CA ARG B 133 0.96 2.96 -45.37
C ARG B 133 -0.30 2.90 -46.22
N PRO B 134 -1.06 1.81 -46.18
CA PRO B 134 -2.31 1.78 -46.92
C PRO B 134 -3.25 2.86 -46.45
N PRO B 135 -3.99 3.50 -47.36
CA PRO B 135 -5.00 4.47 -46.91
C PRO B 135 -6.18 3.81 -46.25
N ASN B 136 -6.43 2.54 -46.53
CA ASN B 136 -7.54 1.80 -45.92
C ASN B 136 -7.16 1.46 -44.49
N ALA B 137 -7.21 2.47 -43.64
CA ALA B 137 -6.96 2.30 -42.22
C ALA B 137 -7.79 1.14 -41.69
N PRO B 138 -7.32 0.41 -40.68
CA PRO B 138 -8.12 -0.68 -40.15
C PRO B 138 -9.41 -0.16 -39.55
N ILE B 139 -10.43 -1.01 -39.57
CA ILE B 139 -11.75 -0.63 -39.09
C ILE B 139 -12.45 -1.86 -38.57
N LEU B 140 -13.18 -1.69 -37.48
CA LEU B 140 -13.93 -2.78 -36.89
C LEU B 140 -15.24 -2.96 -37.63
N SER B 141 -15.54 -4.21 -38.01
CA SER B 141 -16.71 -4.49 -38.82
C SER B 141 -17.20 -5.90 -38.53
N THR B 142 -18.50 -6.10 -38.70
CA THR B 142 -19.12 -7.42 -38.57
C THR B 142 -19.18 -8.13 -39.91
N LEU B 143 -19.85 -7.52 -40.88
CA LEU B 143 -19.96 -8.11 -42.20
C LEU B 143 -18.60 -8.20 -42.89
N MET C 1 16.27 -4.08 -1.66
CA MET C 1 15.81 -5.29 -2.39
C MET C 1 14.28 -5.34 -2.44
N ASP C 2 13.64 -4.30 -1.90
CA ASP C 2 12.19 -4.20 -1.89
C ASP C 2 11.59 -5.36 -1.10
N ILE C 3 11.91 -5.38 0.20
CA ILE C 3 11.47 -6.44 1.10
C ILE C 3 10.40 -5.88 2.01
N ASP C 4 9.31 -6.64 2.16
CA ASP C 4 8.25 -6.30 3.11
C ASP C 4 8.37 -7.23 4.30
N PRO C 5 8.62 -6.71 5.51
CA PRO C 5 8.82 -7.61 6.66
C PRO C 5 7.57 -8.33 7.12
N TYR C 6 6.42 -8.06 6.50
CA TYR C 6 5.17 -8.66 6.93
C TYR C 6 4.53 -9.58 5.90
N LYS C 7 4.95 -9.47 4.64
CA LYS C 7 4.31 -10.26 3.54
C LYS C 7 4.44 -11.76 3.81
N GLU C 8 5.57 -12.19 4.38
CA GLU C 8 5.71 -13.60 4.73
C GLU C 8 4.82 -14.00 5.89
N PHE C 9 4.19 -13.04 6.55
CA PHE C 9 3.23 -13.29 7.61
C PHE C 9 1.81 -12.94 7.20
N GLY C 10 1.61 -12.46 5.98
CA GLY C 10 0.27 -12.20 5.49
C GLY C 10 -0.23 -10.80 5.71
N ALA C 11 0.65 -9.85 6.00
CA ALA C 11 0.26 -8.48 6.24
C ALA C 11 1.05 -7.54 5.35
N THR C 12 0.96 -6.23 5.61
CA THR C 12 1.60 -5.26 4.76
C THR C 12 1.74 -3.96 5.53
N VAL C 13 2.76 -3.18 5.16
CA VAL C 13 2.94 -1.86 5.74
C VAL C 13 1.72 -1.01 5.50
N GLU C 14 1.00 -1.26 4.40
CA GLU C 14 -0.23 -0.54 4.13
C GLU C 14 -1.32 -0.95 5.12
N LEU C 15 -1.32 -2.22 5.52
CA LEU C 15 -2.33 -2.69 6.46
C LEU C 15 -2.03 -2.23 7.87
N LEU C 16 -0.76 -2.06 8.22
CA LEU C 16 -0.41 -1.59 9.55
C LEU C 16 -0.39 -0.07 9.66
N SER C 17 -0.28 0.63 8.54
CA SER C 17 -0.54 2.06 8.50
C SER C 17 -2.02 2.37 8.45
N PHE C 18 -2.85 1.35 8.22
CA PHE C 18 -4.29 1.51 8.28
C PHE C 18 -4.75 1.93 9.65
N LEU C 19 -3.96 1.73 10.64
CA LEU C 19 -4.19 2.15 12.01
C LEU C 19 -3.45 3.45 12.30
N PRO C 20 -3.91 4.23 13.26
CA PRO C 20 -3.20 5.46 13.60
C PRO C 20 -1.80 5.15 14.11
N SER C 21 -0.98 6.18 14.18
CA SER C 21 0.37 6.05 14.69
C SER C 21 0.43 6.14 16.20
N ASP C 22 -0.56 6.77 16.82
CA ASP C 22 -0.62 6.91 18.26
C ASP C 22 -1.33 5.74 18.93
N PHE C 23 -1.57 4.66 18.19
CA PHE C 23 -2.22 3.48 18.74
C PHE C 23 -1.22 2.47 19.27
N PHE C 24 -0.04 2.43 18.70
CA PHE C 24 0.90 1.37 19.02
C PHE C 24 1.61 1.68 20.33
N PRO C 25 1.72 0.72 21.25
CA PRO C 25 2.32 1.00 22.55
C PRO C 25 3.76 1.42 22.41
N SER C 26 4.29 1.95 23.51
CA SER C 26 5.68 2.35 23.55
C SER C 26 6.59 1.15 23.37
N VAL C 27 7.75 1.39 22.77
CA VAL C 27 8.69 0.31 22.53
C VAL C 27 9.19 -0.26 23.84
N ARG C 28 9.30 0.57 24.88
CA ARG C 28 9.65 0.05 26.19
C ARG C 28 8.60 -0.92 26.71
N ASP C 29 7.33 -0.54 26.61
CA ASP C 29 6.25 -1.42 27.03
C ASP C 29 6.29 -2.73 26.27
N LEU C 30 6.57 -2.66 24.96
CA LEU C 30 6.57 -3.88 24.16
C LEU C 30 7.76 -4.77 24.49
N LEU C 31 8.93 -4.18 24.71
CA LEU C 31 10.08 -4.98 25.10
C LEU C 31 9.88 -5.60 26.47
N ASP C 32 9.21 -4.89 27.38
CA ASP C 32 8.88 -5.47 28.67
C ASP C 32 7.92 -6.64 28.51
N THR C 33 6.87 -6.46 27.69
CA THR C 33 5.97 -7.55 27.40
C THR C 33 6.72 -8.77 26.89
N ALA C 34 7.67 -8.56 25.99
CA ALA C 34 8.44 -9.67 25.45
C ALA C 34 9.28 -10.33 26.53
N SER C 35 10.07 -9.54 27.26
CA SER C 35 10.88 -10.10 28.34
C SER C 35 10.03 -10.90 29.32
N ALA C 36 8.77 -10.50 29.48
CA ALA C 36 7.91 -11.17 30.45
C ALA C 36 7.34 -12.47 29.89
N LEU C 37 6.94 -12.47 28.62
CA LEU C 37 6.17 -13.57 28.06
C LEU C 37 6.98 -14.58 27.27
N TYR C 38 8.04 -14.16 26.57
CA TYR C 38 8.75 -15.05 25.67
C TYR C 38 10.26 -14.95 25.80
N ARG C 39 10.78 -14.51 26.95
CA ARG C 39 12.23 -14.40 27.12
C ARG C 39 12.89 -15.77 27.01
N GLU C 40 12.34 -16.76 27.71
CA GLU C 40 12.93 -18.10 27.72
C GLU C 40 12.96 -18.71 26.33
N ALA C 41 12.10 -18.27 25.42
CA ALA C 41 12.05 -18.80 24.07
C ALA C 41 12.88 -17.99 23.09
N LEU C 42 12.95 -16.67 23.29
CA LEU C 42 13.82 -15.85 22.45
C LEU C 42 15.28 -16.16 22.73
N GLU C 43 15.62 -16.41 23.99
CA GLU C 43 16.96 -16.81 24.37
C GLU C 43 17.20 -18.30 24.19
N SER C 44 16.36 -18.98 23.45
CA SER C 44 16.46 -20.41 23.25
C SER C 44 17.17 -20.72 21.94
N PRO C 45 17.81 -21.89 21.83
CA PRO C 45 18.43 -22.33 20.58
C PRO C 45 17.49 -23.14 19.69
N GLU C 46 16.33 -22.58 19.38
CA GLU C 46 15.33 -23.27 18.58
C GLU C 46 14.63 -22.28 17.65
N HIS C 47 14.30 -22.74 16.45
CA HIS C 47 13.45 -21.99 15.55
C HIS C 47 11.99 -22.13 15.99
N CYS C 48 11.73 -21.67 17.21
CA CYS C 48 10.41 -21.86 17.80
C CYS C 48 9.33 -21.34 16.87
N SER C 49 9.61 -20.25 16.17
CA SER C 49 8.68 -19.72 15.18
C SER C 49 9.30 -18.57 14.41
N PRO C 50 8.84 -18.34 13.17
CA PRO C 50 9.31 -17.15 12.44
C PRO C 50 9.05 -15.88 13.19
N HIS C 51 7.98 -15.83 13.97
CA HIS C 51 7.74 -14.67 14.82
C HIS C 51 8.86 -14.49 15.84
N HIS C 52 9.31 -15.59 16.43
CA HIS C 52 10.42 -15.51 17.38
C HIS C 52 11.68 -15.02 16.68
N THR C 53 11.97 -15.56 15.50
CA THR C 53 13.15 -15.13 14.76
C THR C 53 13.11 -13.63 14.47
N ALA C 54 12.00 -13.17 13.89
CA ALA C 54 11.86 -11.76 13.55
C ALA C 54 11.93 -10.88 14.79
N LEU C 55 11.38 -11.35 15.90
CA LEU C 55 11.41 -10.57 17.13
C LEU C 55 12.83 -10.44 17.65
N ARG C 56 13.59 -11.53 17.63
CA ARG C 56 15.00 -11.45 18.01
C ARG C 56 15.74 -10.43 17.16
N GLN C 57 15.58 -10.52 15.85
CA GLN C 57 16.30 -9.60 14.96
C GLN C 57 15.87 -8.15 15.20
N ALA C 58 14.58 -7.93 15.42
CA ALA C 58 14.10 -6.58 15.66
C ALA C 58 14.65 -6.01 16.96
N ILE C 59 14.70 -6.83 18.01
CA ILE C 59 15.27 -6.37 19.28
C ILE C 59 16.74 -6.00 19.09
N LEU C 60 17.49 -6.84 18.39
CA LEU C 60 18.89 -6.53 18.15
C LEU C 60 19.04 -5.23 17.35
N CYS C 61 18.15 -5.02 16.37
CA CYS C 61 18.21 -3.80 15.58
C CYS C 61 17.95 -2.57 16.43
N TRP C 62 16.91 -2.62 17.25
CA TRP C 62 16.64 -1.51 18.15
C TRP C 62 17.82 -1.24 19.06
N GLY C 63 18.47 -2.31 19.54
CA GLY C 63 19.64 -2.12 20.37
C GLY C 63 20.76 -1.39 19.63
N GLU C 64 21.01 -1.79 18.39
CA GLU C 64 22.07 -1.14 17.61
C GLU C 64 21.74 0.33 17.37
N LEU C 65 20.48 0.62 17.03
CA LEU C 65 20.07 2.00 16.80
C LEU C 65 20.27 2.83 18.06
N MET C 66 19.76 2.35 19.19
CA MET C 66 19.92 3.08 20.44
C MET C 66 21.39 3.28 20.79
N THR C 67 22.21 2.25 20.56
CA THR C 67 23.64 2.37 20.83
C THR C 67 24.25 3.51 20.01
N LEU C 68 24.01 3.51 18.70
CA LEU C 68 24.54 4.56 17.85
C LEU C 68 24.07 5.94 18.32
N ALA C 69 22.77 6.06 18.59
CA ALA C 69 22.23 7.36 18.95
C ALA C 69 22.82 7.86 20.27
N THR C 70 22.91 6.99 21.27
CA THR C 70 23.51 7.38 22.54
C THR C 70 24.97 7.77 22.36
N TRP C 71 25.70 7.03 21.52
CA TRP C 71 27.10 7.34 21.29
C TRP C 71 27.25 8.73 20.68
N VAL C 72 26.49 9.03 19.63
CA VAL C 72 26.64 10.33 18.99
C VAL C 72 26.14 11.44 19.90
N GLY C 73 25.12 11.17 20.72
CA GLY C 73 24.68 12.17 21.67
C GLY C 73 25.74 12.47 22.72
N VAL C 74 26.41 11.43 23.21
CA VAL C 74 27.47 11.63 24.19
C VAL C 74 28.64 12.37 23.56
N ASN C 75 28.87 12.17 22.27
CA ASN C 75 29.96 12.87 21.61
C ASN C 75 29.57 14.25 21.11
N LEU C 76 28.26 14.54 21.17
CA LEU C 76 27.74 15.88 20.78
C LEU C 76 27.59 16.73 22.04
N GLU C 77 27.29 18.03 21.89
CA GLU C 77 27.25 18.94 23.03
C GLU C 77 26.11 19.96 22.96
N ASP C 78 25.01 19.59 22.29
CA ASP C 78 23.88 20.55 22.11
C ASP C 78 22.53 19.84 22.33
N PRO C 79 21.87 19.90 23.53
CA PRO C 79 20.55 19.25 23.68
C PRO C 79 19.53 19.68 22.63
N ALA C 80 19.68 20.84 22.01
CA ALA C 80 18.71 21.27 21.00
C ALA C 80 18.67 20.29 19.82
N SER C 81 19.78 20.20 19.08
CA SER C 81 19.79 19.26 17.96
C SER C 81 19.79 17.81 18.45
N ARG C 82 20.19 17.57 19.71
CA ARG C 82 20.04 16.22 20.25
C ARG C 82 18.57 15.83 20.34
N ASP C 83 17.74 16.72 20.86
CA ASP C 83 16.30 16.48 20.89
C ASP C 83 15.74 16.40 19.48
N LEU C 84 16.30 17.18 18.56
CA LEU C 84 15.86 17.07 17.16
C LEU C 84 16.07 15.65 16.64
N VAL C 85 17.27 15.10 16.84
CA VAL C 85 17.56 13.77 16.31
C VAL C 85 16.77 12.70 17.04
N VAL C 86 16.56 12.87 18.35
CA VAL C 86 15.80 11.85 19.08
C VAL C 86 14.34 11.88 18.64
N SER C 87 13.79 13.07 18.41
CA SER C 87 12.44 13.17 17.88
C SER C 87 12.34 12.52 16.50
N TYR C 88 13.36 12.72 15.66
CA TYR C 88 13.33 12.13 14.33
C TYR C 88 13.37 10.60 14.42
N VAL C 89 14.36 10.06 15.12
CA VAL C 89 14.46 8.61 15.27
C VAL C 89 13.16 8.05 15.80
N ASN C 90 12.58 8.70 16.81
CA ASN C 90 11.31 8.24 17.32
C ASN C 90 10.30 8.20 16.18
N THR C 91 9.91 9.37 15.67
CA THR C 91 8.78 9.45 14.75
C THR C 91 8.96 8.55 13.54
N ASN C 92 10.20 8.25 13.17
CA ASN C 92 10.44 7.49 11.94
C ASN C 92 10.66 6.00 12.20
N MET C 93 11.66 5.65 13.01
CA MET C 93 12.01 4.26 13.24
C MET C 93 11.27 3.68 14.44
N GLY C 94 11.05 4.45 15.49
CA GLY C 94 10.31 3.94 16.61
C GLY C 94 8.93 3.49 16.21
N LEU C 95 8.33 4.17 15.24
CA LEU C 95 7.01 3.75 14.75
C LEU C 95 7.10 2.41 14.03
N LYS C 96 8.08 2.26 13.15
CA LYS C 96 8.25 0.99 12.46
C LYS C 96 8.45 -0.14 13.45
N PHE C 97 9.26 0.08 14.49
CA PHE C 97 9.56 -0.99 15.42
C PHE C 97 8.40 -1.23 16.38
N ARG C 98 7.64 -0.20 16.72
CA ARG C 98 6.39 -0.40 17.43
C ARG C 98 5.46 -1.31 16.65
N GLN C 99 5.24 -0.97 15.38
CA GLN C 99 4.43 -1.81 14.50
C GLN C 99 4.94 -3.25 14.50
N LEU C 100 6.25 -3.43 14.32
CA LEU C 100 6.82 -4.75 14.18
C LEU C 100 6.66 -5.57 15.46
N LEU C 101 7.10 -5.02 16.59
CA LEU C 101 7.00 -5.72 17.85
C LEU C 101 5.55 -6.01 18.22
N TRP C 102 4.66 -5.02 18.03
CA TRP C 102 3.25 -5.24 18.28
C TRP C 102 2.73 -6.40 17.44
N PHE C 103 2.99 -6.37 16.14
CA PHE C 103 2.51 -7.42 15.25
C PHE C 103 2.97 -8.78 15.75
N HIS C 104 4.26 -8.92 16.04
CA HIS C 104 4.79 -10.25 16.33
C HIS C 104 4.36 -10.73 17.71
N ILE C 105 4.41 -9.86 18.71
CA ILE C 105 3.96 -10.23 20.05
C ILE C 105 2.47 -10.59 20.02
N SER C 106 1.65 -9.73 19.43
CA SER C 106 0.23 -10.00 19.35
C SER C 106 -0.05 -11.28 18.60
N CYS C 107 0.72 -11.57 17.55
CA CYS C 107 0.54 -12.82 16.84
C CYS C 107 0.82 -14.00 17.75
N LEU C 108 2.02 -14.04 18.32
CA LEU C 108 2.37 -15.12 19.23
C LEU C 108 1.32 -15.29 20.32
N THR C 109 0.70 -14.19 20.76
CA THR C 109 -0.18 -14.26 21.92
C THR C 109 -1.60 -14.67 21.55
N PHE C 110 -2.12 -14.18 20.44
CA PHE C 110 -3.51 -14.37 20.07
C PHE C 110 -3.70 -15.19 18.81
N GLY C 111 -2.91 -14.94 17.78
CA GLY C 111 -3.15 -15.53 16.48
C GLY C 111 -2.92 -14.55 15.35
N ARG C 112 -2.21 -15.00 14.32
CA ARG C 112 -1.98 -14.17 13.15
C ARG C 112 -3.29 -13.69 12.55
N GLU C 113 -4.25 -14.60 12.40
CA GLU C 113 -5.53 -14.26 11.79
C GLU C 113 -6.31 -13.29 12.67
N THR C 114 -6.32 -13.52 13.98
CA THR C 114 -7.01 -12.60 14.88
C THR C 114 -6.39 -11.22 14.79
N VAL C 115 -5.06 -11.15 14.66
CA VAL C 115 -4.38 -9.87 14.60
C VAL C 115 -4.73 -9.14 13.31
N ILE C 116 -4.80 -9.86 12.19
CA ILE C 116 -5.12 -9.21 10.93
C ILE C 116 -6.56 -8.73 10.92
N GLU C 117 -7.49 -9.57 11.38
CA GLU C 117 -8.88 -9.14 11.49
C GLU C 117 -9.02 -7.97 12.44
N TYR C 118 -8.23 -7.95 13.52
CA TYR C 118 -8.24 -6.82 14.42
C TYR C 118 -7.77 -5.56 13.72
N LEU C 119 -6.73 -5.68 12.89
CA LEU C 119 -6.24 -4.53 12.14
C LEU C 119 -7.35 -3.94 11.28
N VAL C 120 -7.97 -4.77 10.45
CA VAL C 120 -8.99 -4.24 9.53
C VAL C 120 -10.18 -3.71 10.31
N SER C 121 -10.60 -4.42 11.36
CA SER C 121 -11.76 -4.00 12.13
C SER C 121 -11.51 -2.68 12.83
N PHE C 122 -10.35 -2.52 13.47
CA PHE C 122 -10.04 -1.28 14.16
C PHE C 122 -9.89 -0.13 13.17
N GLY C 123 -9.34 -0.39 11.98
CA GLY C 123 -9.27 0.66 10.98
C GLY C 123 -10.65 1.13 10.56
N VAL C 124 -11.51 0.19 10.18
CA VAL C 124 -12.87 0.55 9.79
C VAL C 124 -13.58 1.27 10.93
N TRP C 125 -13.37 0.80 12.17
CA TRP C 125 -13.99 1.41 13.32
C TRP C 125 -13.57 2.88 13.46
N ILE C 126 -12.27 3.12 13.60
CA ILE C 126 -11.77 4.48 13.79
C ILE C 126 -12.04 5.36 12.59
N ARG C 127 -12.35 4.79 11.44
CA ARG C 127 -12.74 5.58 10.29
C ARG C 127 -14.23 5.83 10.21
N THR C 128 -15.03 5.01 10.87
CA THR C 128 -16.47 5.18 10.88
C THR C 128 -16.87 6.27 11.87
N PRO C 129 -17.92 7.04 11.57
CA PRO C 129 -18.37 8.04 12.52
C PRO C 129 -18.84 7.40 13.81
N PRO C 130 -18.74 8.10 14.93
CA PRO C 130 -19.06 7.47 16.21
C PRO C 130 -20.51 7.07 16.35
N ALA C 131 -21.43 7.90 15.86
CA ALA C 131 -22.85 7.66 16.06
C ALA C 131 -23.35 6.42 15.35
N TYR C 132 -22.54 5.80 14.50
CA TYR C 132 -22.96 4.66 13.70
C TYR C 132 -21.96 3.52 13.78
N ARG C 133 -21.22 3.46 14.88
CA ARG C 133 -20.29 2.39 15.18
C ARG C 133 -20.50 1.95 16.62
N PRO C 134 -20.04 0.76 16.97
CA PRO C 134 -20.02 0.36 18.37
C PRO C 134 -19.24 1.36 19.20
N PRO C 135 -19.67 1.62 20.43
CA PRO C 135 -19.09 2.74 21.17
C PRO C 135 -17.73 2.44 21.78
N ASN C 136 -17.43 1.15 22.00
CA ASN C 136 -16.20 0.74 22.64
C ASN C 136 -15.20 0.26 21.60
N ALA C 137 -13.99 0.80 21.68
CA ALA C 137 -12.93 0.43 20.75
C ALA C 137 -12.64 -1.06 20.85
N PRO C 138 -12.29 -1.72 19.75
CA PRO C 138 -11.91 -3.13 19.83
C PRO C 138 -10.60 -3.29 20.59
N ILE C 139 -10.38 -4.51 21.08
CA ILE C 139 -9.21 -4.81 21.87
C ILE C 139 -9.01 -6.31 21.87
N LEU C 140 -7.75 -6.73 21.87
CA LEU C 140 -7.42 -8.14 21.92
C LEU C 140 -7.40 -8.62 23.37
N SER C 141 -7.89 -9.83 23.59
CA SER C 141 -8.02 -10.36 24.94
C SER C 141 -7.94 -11.87 24.91
N THR C 142 -7.21 -12.42 25.88
CA THR C 142 -7.15 -13.86 26.10
C THR C 142 -8.20 -14.33 27.10
N LEU C 143 -8.96 -13.42 27.68
CA LEU C 143 -9.90 -13.74 28.74
C LEU C 143 -11.28 -13.92 28.14
N PRO C 144 -11.91 -15.10 28.27
CA PRO C 144 -13.25 -15.29 27.72
C PRO C 144 -14.35 -14.69 28.60
N MET D 1 16.71 -8.74 27.37
CA MET D 1 16.95 -10.03 26.68
C MET D 1 18.35 -10.06 26.11
N ASP D 2 19.17 -10.99 26.61
CA ASP D 2 20.51 -11.22 26.07
C ASP D 2 20.40 -12.30 25.01
N ILE D 3 20.23 -11.86 23.77
CA ILE D 3 19.95 -12.75 22.65
C ILE D 3 21.21 -12.92 21.83
N ASP D 4 21.44 -14.15 21.37
CA ASP D 4 22.51 -14.45 20.43
C ASP D 4 21.87 -14.77 19.09
N PRO D 5 22.15 -14.02 18.02
CA PRO D 5 21.47 -14.23 16.75
C PRO D 5 21.90 -15.48 16.00
N TYR D 6 22.71 -16.35 16.61
CA TYR D 6 23.25 -17.51 15.93
C TYR D 6 22.92 -18.83 16.60
N LYS D 7 22.64 -18.83 17.91
CA LYS D 7 22.35 -20.09 18.59
C LYS D 7 21.00 -20.65 18.18
N GLU D 8 20.09 -19.79 17.69
CA GLU D 8 18.87 -20.29 17.08
C GLU D 8 19.16 -21.22 15.92
N PHE D 9 20.38 -21.17 15.38
CA PHE D 9 20.79 -22.02 14.28
C PHE D 9 21.81 -23.07 14.67
N GLY D 10 22.71 -22.76 15.60
CA GLY D 10 23.69 -23.72 16.04
C GLY D 10 25.10 -23.17 16.19
N ALA D 11 25.22 -21.84 16.16
CA ALA D 11 26.50 -21.18 16.33
C ALA D 11 26.41 -20.18 17.47
N THR D 12 27.47 -19.39 17.64
CA THR D 12 27.54 -18.38 18.67
C THR D 12 28.49 -17.29 18.20
N VAL D 13 28.39 -16.11 18.84
CA VAL D 13 29.23 -14.99 18.48
C VAL D 13 30.69 -15.22 18.83
N GLU D 14 30.99 -16.28 19.57
CA GLU D 14 32.37 -16.61 19.90
C GLU D 14 32.93 -17.70 19.01
N LEU D 15 32.07 -18.50 18.38
CA LEU D 15 32.50 -19.40 17.33
C LEU D 15 32.81 -18.66 16.03
N LEU D 16 32.22 -17.48 15.84
CA LEU D 16 32.54 -16.64 14.70
C LEU D 16 33.68 -15.67 14.97
N SER D 17 34.08 -15.51 16.23
CA SER D 17 35.31 -14.77 16.51
C SER D 17 36.55 -15.54 16.12
N PHE D 18 36.40 -16.81 15.74
CA PHE D 18 37.50 -17.55 15.14
C PHE D 18 37.97 -16.87 13.87
N LEU D 19 37.06 -16.26 13.15
CA LEU D 19 37.37 -15.52 11.95
C LEU D 19 37.69 -14.08 12.30
N PRO D 20 38.81 -13.54 11.86
CA PRO D 20 39.13 -12.14 12.20
C PRO D 20 38.13 -11.17 11.62
N SER D 21 38.29 -9.89 11.97
CA SER D 21 37.42 -8.86 11.44
C SER D 21 37.76 -8.50 10.00
N ASP D 22 38.99 -8.76 9.57
CA ASP D 22 39.42 -8.48 8.21
C ASP D 22 39.04 -9.58 7.23
N PHE D 23 38.28 -10.58 7.68
CA PHE D 23 37.93 -11.71 6.84
C PHE D 23 36.63 -11.52 6.11
N PHE D 24 35.71 -10.76 6.67
CA PHE D 24 34.35 -10.75 6.16
C PHE D 24 34.23 -9.79 4.99
N PRO D 25 33.61 -10.20 3.88
CA PRO D 25 33.48 -9.30 2.73
C PRO D 25 32.71 -8.04 3.09
N SER D 26 32.72 -7.10 2.16
CA SER D 26 32.01 -5.85 2.35
C SER D 26 30.50 -6.07 2.29
N VAL D 27 29.79 -5.18 2.99
CA VAL D 27 28.30 -5.24 3.02
C VAL D 27 27.79 -5.16 1.59
N ARG D 28 28.43 -4.35 0.74
CA ARG D 28 28.02 -4.23 -0.66
C ARG D 28 28.16 -5.56 -1.37
N ASP D 29 29.32 -6.21 -1.22
CA ASP D 29 29.53 -7.51 -1.85
C ASP D 29 28.49 -8.52 -1.39
N LEU D 30 28.18 -8.54 -0.11
CA LEU D 30 27.27 -9.55 0.41
C LEU D 30 25.83 -9.27 -0.02
N LEU D 31 25.44 -8.00 -0.04
CA LEU D 31 24.08 -7.64 -0.52
C LEU D 31 23.96 -7.99 -2.01
N ASP D 32 25.04 -7.78 -2.78
CA ASP D 32 25.02 -8.18 -4.18
C ASP D 32 24.88 -9.68 -4.32
N THR D 33 25.62 -10.44 -3.52
CA THR D 33 25.47 -11.90 -3.52
C THR D 33 24.04 -12.31 -3.25
N ALA D 34 23.41 -11.67 -2.25
CA ALA D 34 22.03 -11.99 -1.92
C ALA D 34 21.11 -11.64 -3.08
N SER D 35 21.17 -10.41 -3.58
CA SER D 35 20.36 -10.02 -4.71
C SER D 35 20.54 -10.98 -5.88
N ALA D 36 21.73 -11.56 -6.01
CA ALA D 36 21.99 -12.48 -7.11
C ALA D 36 21.34 -13.83 -6.90
N LEU D 37 21.46 -14.38 -5.68
CA LEU D 37 21.13 -15.78 -5.47
C LEU D 37 19.77 -16.01 -4.83
N TYR D 38 19.29 -15.12 -3.96
CA TYR D 38 18.10 -15.37 -3.16
C TYR D 38 17.15 -14.18 -3.17
N ARG D 39 17.18 -13.37 -4.23
CA ARG D 39 16.30 -12.20 -4.30
C ARG D 39 14.84 -12.63 -4.43
N GLU D 40 14.58 -13.58 -5.31
CA GLU D 40 13.19 -14.09 -5.47
C GLU D 40 12.70 -14.61 -4.13
N ALA D 41 13.51 -15.43 -3.44
CA ALA D 41 13.12 -16.01 -2.14
C ALA D 41 12.93 -14.92 -1.07
N LEU D 42 13.82 -13.91 -1.03
CA LEU D 42 13.70 -12.81 -0.04
C LEU D 42 12.44 -12.00 -0.32
N GLU D 43 12.13 -11.74 -1.60
CA GLU D 43 10.92 -10.94 -1.98
C GLU D 43 9.68 -11.83 -1.90
N SER D 44 9.86 -13.15 -1.70
CA SER D 44 8.72 -14.09 -1.66
C SER D 44 7.86 -13.83 -0.41
N PRO D 45 6.55 -14.16 -0.45
CA PRO D 45 5.67 -13.98 0.71
C PRO D 45 5.66 -15.25 1.57
N GLU D 46 6.64 -16.13 1.39
CA GLU D 46 6.66 -17.41 2.14
C GLU D 46 7.82 -17.48 3.15
N HIS D 47 7.66 -18.26 4.23
CA HIS D 47 8.72 -18.51 5.21
C HIS D 47 9.65 -19.58 4.64
N CYS D 48 10.32 -19.23 3.54
CA CYS D 48 11.19 -20.21 2.85
C CYS D 48 12.13 -20.85 3.88
N SER D 49 12.67 -20.05 4.80
CA SER D 49 13.62 -20.57 5.78
C SER D 49 13.91 -19.54 6.86
N PRO D 50 14.30 -19.98 8.05
CA PRO D 50 14.72 -19.02 9.08
C PRO D 50 15.88 -18.16 8.63
N HIS D 51 16.75 -18.71 7.78
CA HIS D 51 17.81 -17.91 7.20
C HIS D 51 17.26 -16.78 6.37
N HIS D 52 16.24 -17.06 5.56
CA HIS D 52 15.60 -16.02 4.78
C HIS D 52 14.97 -14.96 5.68
N THR D 53 14.27 -15.40 6.72
CA THR D 53 13.67 -14.45 7.66
C THR D 53 14.71 -13.53 8.27
N ALA D 54 15.77 -14.11 8.85
CA ALA D 54 16.80 -13.33 9.49
C ALA D 54 17.50 -12.42 8.50
N LEU D 55 17.69 -12.89 7.27
CA LEU D 55 18.38 -12.08 6.27
C LEU D 55 17.53 -10.89 5.86
N ARG D 56 16.22 -11.10 5.73
CA ARG D 56 15.29 -9.98 5.42
C ARG D 56 15.40 -8.96 6.55
N GLN D 57 15.27 -9.40 7.81
CA GLN D 57 15.30 -8.47 8.94
C GLN D 57 16.63 -7.73 9.00
N ALA D 58 17.72 -8.45 8.73
CA ALA D 58 19.07 -7.83 8.76
C ALA D 58 19.18 -6.77 7.67
N ILE D 59 18.72 -7.08 6.46
CA ILE D 59 18.77 -6.10 5.33
C ILE D 59 18.00 -4.84 5.74
N LEU D 60 16.78 -5.01 6.28
CA LEU D 60 15.98 -3.86 6.66
C LEU D 60 16.66 -3.05 7.76
N CYS D 61 17.24 -3.77 8.72
CA CYS D 61 18.00 -3.13 9.82
C CYS D 61 19.09 -2.24 9.24
N TRP D 62 19.89 -2.79 8.31
CA TRP D 62 21.02 -2.01 7.74
C TRP D 62 20.47 -0.80 6.98
N GLY D 63 19.42 -1.01 6.16
CA GLY D 63 18.83 0.13 5.48
C GLY D 63 18.43 1.22 6.44
N GLU D 64 17.90 0.83 7.60
CA GLU D 64 17.43 1.82 8.57
C GLU D 64 18.59 2.56 9.22
N LEU D 65 19.65 1.81 9.57
CA LEU D 65 20.86 2.45 10.17
C LEU D 65 21.49 3.39 9.14
N MET D 66 21.52 3.00 7.86
CA MET D 66 22.06 3.87 6.83
C MET D 66 21.21 5.11 6.67
N THR D 67 19.89 4.96 6.65
CA THR D 67 19.01 6.12 6.59
C THR D 67 19.31 7.09 7.72
N LEU D 68 19.36 6.58 8.95
CA LEU D 68 19.61 7.43 10.10
C LEU D 68 20.95 8.18 9.95
N ALA D 69 22.02 7.43 9.70
CA ALA D 69 23.34 8.04 9.65
C ALA D 69 23.46 9.02 8.50
N THR D 70 22.80 8.74 7.37
CA THR D 70 22.83 9.65 6.23
C THR D 70 22.11 10.94 6.55
N TRP D 71 20.89 10.85 7.11
CA TRP D 71 20.17 12.04 7.52
C TRP D 71 20.97 12.85 8.53
N VAL D 72 21.65 12.15 9.44
CA VAL D 72 22.51 12.83 10.45
C VAL D 72 23.73 13.44 9.73
N GLY D 73 24.35 12.68 8.83
CA GLY D 73 25.56 13.16 8.14
C GLY D 73 25.29 14.40 7.30
N VAL D 74 24.15 14.43 6.61
CA VAL D 74 23.77 15.63 5.81
C VAL D 74 23.64 16.81 6.77
N ASN D 75 22.95 16.61 7.88
CA ASN D 75 22.74 17.70 8.87
C ASN D 75 24.11 18.20 9.34
N LEU D 76 25.02 17.28 9.66
CA LEU D 76 26.37 17.66 10.18
C LEU D 76 27.15 18.41 9.09
N GLU D 77 27.92 19.43 9.48
CA GLU D 77 28.73 20.21 8.51
C GLU D 77 30.21 19.94 8.79
N ASP D 78 30.51 19.29 9.92
CA ASP D 78 31.92 18.95 10.29
C ASP D 78 32.37 17.61 9.67
N PRO D 79 33.27 17.53 8.65
CA PRO D 79 33.67 16.24 8.10
C PRO D 79 34.59 15.43 9.01
N ALA D 80 35.37 16.08 9.87
CA ALA D 80 36.21 15.34 10.80
C ALA D 80 35.38 14.40 11.67
N SER D 81 34.47 14.97 12.47
CA SER D 81 33.61 14.14 13.30
C SER D 81 32.64 13.33 12.46
N ARG D 82 32.37 13.75 11.21
CA ARG D 82 31.50 12.94 10.31
C ARG D 82 32.21 11.63 9.98
N ASP D 83 33.49 11.69 9.59
CA ASP D 83 34.27 10.48 9.39
C ASP D 83 34.44 9.70 10.68
N LEU D 84 34.54 10.40 11.82
CA LEU D 84 34.61 9.70 13.09
C LEU D 84 33.38 8.82 13.30
N VAL D 85 32.19 9.39 13.13
CA VAL D 85 30.97 8.65 13.39
C VAL D 85 30.78 7.55 12.36
N VAL D 86 31.15 7.80 11.10
CA VAL D 86 30.97 6.76 10.10
C VAL D 86 31.97 5.64 10.31
N SER D 87 33.14 5.94 10.87
CA SER D 87 34.08 4.89 11.22
C SER D 87 33.57 4.04 12.37
N TYR D 88 33.00 4.68 13.39
CA TYR D 88 32.34 3.92 14.44
C TYR D 88 31.27 3.01 13.86
N VAL D 89 30.39 3.57 13.04
CA VAL D 89 29.34 2.79 12.41
C VAL D 89 29.94 1.60 11.67
N ASN D 90 30.77 1.88 10.67
CA ASN D 90 31.42 0.81 9.92
C ASN D 90 31.95 -0.25 10.85
N THR D 91 32.94 0.10 11.68
CA THR D 91 33.56 -0.91 12.52
C THR D 91 32.48 -1.75 13.21
N ASN D 92 31.73 -1.15 14.13
CA ASN D 92 30.89 -1.96 15.00
C ASN D 92 29.74 -2.61 14.23
N MET D 93 28.75 -1.78 13.87
CA MET D 93 27.54 -2.30 13.20
C MET D 93 27.94 -3.00 11.90
N GLY D 94 28.85 -2.40 11.14
CA GLY D 94 29.19 -3.00 9.83
C GLY D 94 29.78 -4.39 10.00
N LEU D 95 30.67 -4.59 10.97
CA LEU D 95 31.30 -5.92 11.19
C LEU D 95 30.24 -6.93 11.62
N LYS D 96 29.40 -6.58 12.59
CA LYS D 96 28.38 -7.55 13.10
C LYS D 96 27.42 -7.92 11.98
N PHE D 97 27.06 -6.94 11.15
N PHE D 97 26.99 -6.92 11.19
CA PHE D 97 26.07 -7.20 10.05
CA PHE D 97 26.08 -7.19 10.04
C PHE D 97 26.76 -7.94 8.90
C PHE D 97 26.80 -8.05 9.00
N ARG D 98 28.09 -7.76 8.77
CA ARG D 98 28.85 -8.52 7.73
C ARG D 98 28.91 -9.98 8.17
N GLN D 99 29.14 -10.23 9.47
CA GLN D 99 29.14 -11.62 9.99
C GLN D 99 27.74 -12.20 9.79
N LEU D 100 26.71 -11.46 10.22
CA LEU D 100 25.31 -11.96 10.11
C LEU D 100 25.02 -12.33 8.65
N LEU D 101 25.43 -11.49 7.70
CA LEU D 101 25.11 -11.75 6.28
C LEU D 101 25.91 -12.97 5.83
N TRP D 102 27.22 -12.93 6.05
CA TRP D 102 28.09 -14.05 5.68
C TRP D 102 27.53 -15.36 6.19
N PHE D 103 27.23 -15.43 7.49
CA PHE D 103 26.73 -16.66 8.08
C PHE D 103 25.51 -17.16 7.34
N HIS D 104 24.55 -16.27 7.09
CA HIS D 104 23.28 -16.71 6.51
C HIS D 104 23.42 -17.09 5.05
N ILE D 105 24.10 -16.26 4.26
CA ILE D 105 24.31 -16.58 2.85
C ILE D 105 25.07 -17.88 2.70
N SER D 106 26.03 -18.13 3.59
CA SER D 106 26.81 -19.36 3.51
C SER D 106 25.98 -20.56 3.91
N CYS D 107 25.21 -20.46 5.00
CA CYS D 107 24.38 -21.57 5.42
C CYS D 107 23.31 -21.87 4.39
N LEU D 108 22.93 -20.87 3.60
CA LEU D 108 21.98 -21.11 2.51
C LEU D 108 22.65 -21.75 1.31
N THR D 109 23.86 -21.30 0.98
CA THR D 109 24.54 -21.78 -0.21
C THR D 109 25.17 -23.15 0.03
N PHE D 110 25.84 -23.33 1.16
CA PHE D 110 26.63 -24.53 1.41
C PHE D 110 26.04 -25.44 2.48
N GLY D 111 25.43 -24.88 3.52
CA GLY D 111 24.88 -25.67 4.59
C GLY D 111 25.41 -25.29 5.95
N ARG D 112 24.57 -25.43 6.97
CA ARG D 112 24.99 -25.07 8.32
C ARG D 112 26.10 -25.98 8.82
N GLU D 113 25.98 -27.28 8.53
CA GLU D 113 27.03 -28.22 8.93
C GLU D 113 28.37 -27.81 8.34
N THR D 114 28.39 -27.59 7.02
CA THR D 114 29.62 -27.20 6.36
C THR D 114 30.15 -25.89 6.91
N VAL D 115 29.27 -24.95 7.21
CA VAL D 115 29.72 -23.64 7.70
C VAL D 115 30.36 -23.77 9.06
N ILE D 116 29.78 -24.61 9.93
CA ILE D 116 30.34 -24.75 11.28
C ILE D 116 31.66 -25.51 11.22
N GLU D 117 31.74 -26.57 10.41
CA GLU D 117 33.00 -27.26 10.25
C GLU D 117 34.06 -26.33 9.66
N TYR D 118 33.65 -25.44 8.76
CA TYR D 118 34.58 -24.48 8.19
C TYR D 118 35.07 -23.51 9.26
N LEU D 119 34.19 -23.06 10.14
CA LEU D 119 34.61 -22.18 11.22
C LEU D 119 35.63 -22.86 12.11
N VAL D 120 35.37 -24.12 12.46
CA VAL D 120 36.31 -24.86 13.30
C VAL D 120 37.66 -25.00 12.60
N SER D 121 37.65 -25.42 11.34
CA SER D 121 38.90 -25.64 10.62
C SER D 121 39.66 -24.35 10.42
N PHE D 122 38.97 -23.26 10.13
CA PHE D 122 39.64 -21.97 9.99
C PHE D 122 40.19 -21.48 11.31
N GLY D 123 39.52 -21.80 12.42
CA GLY D 123 40.09 -21.49 13.71
C GLY D 123 41.39 -22.23 13.93
N VAL D 124 41.40 -23.53 13.62
CA VAL D 124 42.64 -24.31 13.67
C VAL D 124 43.72 -23.64 12.84
N TRP D 125 43.40 -23.33 11.58
CA TRP D 125 44.36 -22.74 10.66
C TRP D 125 44.94 -21.44 11.22
N ILE D 126 44.07 -20.50 11.60
CA ILE D 126 44.50 -19.18 12.01
C ILE D 126 45.14 -19.20 13.39
N ARG D 127 44.91 -20.26 14.17
CA ARG D 127 45.64 -20.43 15.41
C ARG D 127 47.05 -20.94 15.16
N THR D 128 47.19 -21.84 14.19
CA THR D 128 48.48 -22.39 13.83
C THR D 128 49.46 -21.25 13.49
N PRO D 129 50.59 -21.15 14.18
CA PRO D 129 51.56 -20.12 13.85
C PRO D 129 51.93 -20.17 12.37
N PRO D 130 52.31 -19.03 11.79
CA PRO D 130 52.53 -19.00 10.34
C PRO D 130 53.62 -19.93 9.86
N ALA D 131 54.68 -20.12 10.66
CA ALA D 131 55.78 -20.97 10.24
C ALA D 131 55.32 -22.40 9.99
N TYR D 132 54.21 -22.82 10.59
CA TYR D 132 53.67 -24.16 10.41
C TYR D 132 52.26 -24.11 9.82
N ARG D 133 51.89 -22.99 9.22
CA ARG D 133 50.57 -22.78 8.67
C ARG D 133 50.60 -23.04 7.17
N PRO D 134 49.83 -23.98 6.65
CA PRO D 134 49.78 -24.17 5.21
C PRO D 134 49.29 -22.92 4.52
N PRO D 135 49.60 -22.74 3.24
CA PRO D 135 49.12 -21.56 2.53
C PRO D 135 47.72 -21.77 1.98
N ASN D 136 47.37 -23.03 1.73
CA ASN D 136 46.06 -23.37 1.18
C ASN D 136 45.05 -23.37 2.32
N ALA D 137 44.67 -22.17 2.73
CA ALA D 137 43.65 -22.00 3.75
C ALA D 137 42.38 -22.74 3.36
N PRO D 138 41.52 -23.07 4.32
CA PRO D 138 40.23 -23.65 3.97
C PRO D 138 39.31 -22.61 3.37
N ILE D 139 38.37 -23.09 2.57
CA ILE D 139 37.45 -22.22 1.86
C ILE D 139 36.20 -23.00 1.53
N LEU D 140 35.06 -22.31 1.54
CA LEU D 140 33.80 -22.93 1.18
C LEU D 140 33.67 -22.99 -0.33
N SER D 141 33.37 -24.17 -0.85
CA SER D 141 33.31 -24.37 -2.28
C SER D 141 32.43 -25.56 -2.60
N THR D 142 31.76 -25.48 -3.75
CA THR D 142 30.95 -26.58 -4.27
C THR D 142 31.71 -27.41 -5.29
N LEU D 143 33.03 -27.37 -5.27
CA LEU D 143 33.87 -28.00 -6.26
C LEU D 143 34.97 -28.78 -5.58
N PRO D 144 35.65 -29.68 -6.30
CA PRO D 144 36.80 -30.41 -5.76
C PRO D 144 37.99 -29.49 -5.48
N UNK E 1 -19.44 34.76 -11.38
CA UNK E 1 -20.06 35.16 -10.12
C UNK E 1 -19.05 35.12 -8.99
N UNK E 2 -18.39 33.97 -8.84
CA UNK E 2 -17.44 33.76 -7.75
C UNK E 2 -16.02 33.66 -8.25
N UNK E 3 -15.76 32.73 -9.17
CA UNK E 3 -14.39 32.39 -9.52
C UNK E 3 -13.65 33.58 -10.13
N UNK E 4 -12.32 33.52 -10.05
CA UNK E 4 -11.49 34.60 -10.55
C UNK E 4 -11.28 34.50 -12.06
N UNK E 5 -11.23 33.27 -12.57
CA UNK E 5 -11.04 33.03 -14.00
C UNK E 5 -9.63 33.44 -14.44
N UNK E 6 -8.65 33.06 -13.63
CA UNK E 6 -7.24 33.33 -13.94
C UNK E 6 -7.00 34.83 -14.12
N UNK F 1 33.53 14.58 19.06
CA UNK F 1 33.00 14.85 17.73
C UNK F 1 31.96 15.96 17.73
N UNK F 2 32.34 17.10 18.28
CA UNK F 2 31.43 18.23 18.37
C UNK F 2 31.01 18.71 16.99
N UNK F 3 29.72 19.02 16.85
CA UNK F 3 29.18 19.48 15.53
C UNK F 3 27.77 20.07 15.73
N UNK F 4 27.31 20.89 14.79
CA UNK F 4 25.95 21.49 14.86
C UNK F 4 25.17 21.12 13.60
N UNK F 5 23.83 21.24 13.63
CA UNK F 5 23.02 20.79 12.47
C UNK F 5 21.56 21.23 12.63
N UNK F 6 20.93 21.76 11.56
CA UNK F 6 19.51 22.07 11.65
C UNK F 6 18.92 22.27 10.25
#